data_4KBD
#
_entry.id   4KBD
#
_cell.length_a   1.000
_cell.length_b   1.000
_cell.length_c   1.000
_cell.angle_alpha   90.00
_cell.angle_beta   90.00
_cell.angle_gamma   90.00
#
_symmetry.space_group_name_H-M   'P 1'
#
loop_
_entity.id
_entity.type
_entity.pdbx_description
1 polymer "DNA (5'-D(*CP*TP*GP*CP*TP*CP*AP*CP*TP*TP*TP*CP*CP*AP*GP*G)-3')"
2 polymer "DNA (5'-D(*CP*CP*TP*GP*GP*AP*AP*AP*GP*TP*GP*AP*GP*CP*AP*G)-3')"
#
loop_
_entity_poly.entity_id
_entity_poly.type
_entity_poly.pdbx_seq_one_letter_code
_entity_poly.pdbx_strand_id
1 'polydeoxyribonucleotide' (DC)(DT)(DG)(DC)(DT)(DC)(DA)(DC)(DT)(DT)(DT)(DC)(DC)(DA)(DG)(DG) A
2 'polydeoxyribonucleotide' (DC)(DC)(DT)(DG)(DG)(DA)(DA)(DA)(DG)(DT)(DG)(DA)(DG)(DC)(DA)(DG) B
#
loop_
_chem_comp.id
_chem_comp.type
_chem_comp.name
_chem_comp.formula
DA DNA linking 2'-DEOXYADENOSINE-5'-MONOPHOSPHATE 'C10 H14 N5 O6 P'
DC DNA linking 2'-DEOXYCYTIDINE-5'-MONOPHOSPHATE 'C9 H14 N3 O7 P'
DG DNA linking 2'-DEOXYGUANOSINE-5'-MONOPHOSPHATE 'C10 H14 N5 O7 P'
DT DNA linking THYMIDINE-5'-MONOPHOSPHATE 'C10 H15 N2 O8 P'
#